data_5QPZ
#
_entry.id   5QPZ
#
_cell.length_a   57.845
_cell.length_b   57.845
_cell.length_c   394.627
_cell.angle_alpha   90.000
_cell.angle_beta   90.000
_cell.angle_gamma   120.000
#
_symmetry.space_group_name_H-M   'P 61 2 2'
#
loop_
_entity.id
_entity.type
_entity.pdbx_description
1 polymer 'Farnesyl diphosphate synthase'
2 non-polymer 'SULFATE ION'
3 non-polymer 'ACETATE ION'
4 non-polymer 'ZINC ION'
5 non-polymer 1-[2-methyl-1,3-bis(oxidanyl)propan-2-yl]-3-phenyl-urea
6 water water
#
_entity_poly.entity_id   1
_entity_poly.type   'polypeptide(L)'
_entity_poly.pdbx_seq_one_letter_code
;GPMASMERFLSVYDEVQAFLLDQLQSKYEIDPNRARYLRIMMDTTCLGGKYFRGMTVVNVAEGFLAVTQHDEATKERILH
DACVGGWMIEFLQAHYLVEDDIMDGSVMRRGKPCWYRFPGVTTQCAINDGIILKSWTQIMAWHYFADRPFLKDLLCLFQK
VDYATAVGQMYDVTSMCDSNKLDPEVAQPMTTDFAEFTPAIYKRIVKYKTTFYTYLLPLVMGLLVSEAAASVEMNLVERV
AHLIGEYFQVQDDVMDCFTPPEQLGKVGTDIEDAKCSWLAVTFLGKANAAQVAEFKANYGEKDPAKVAVVKRLYSKANLQ
ADFAAYEAEVVREVESLIEQLKVKSPTFAESVAVVWEKTHKRKK
;
_entity_poly.pdbx_strand_id   A
#
# COMPACT_ATOMS: atom_id res chain seq x y z
N MET A 3 2.66 -16.06 23.27
CA MET A 3 1.39 -15.45 22.67
C MET A 3 1.46 -15.35 21.11
N ALA A 4 0.37 -15.72 20.42
CA ALA A 4 0.34 -15.70 18.94
C ALA A 4 0.40 -14.25 18.45
N SER A 5 0.98 -14.12 17.29
CA SER A 5 1.30 -12.81 16.76
C SER A 5 0.11 -11.92 16.50
N MET A 6 -0.89 -12.50 15.86
CA MET A 6 -2.05 -11.74 15.53
C MET A 6 -2.78 -11.24 16.79
N GLU A 7 -2.91 -12.07 17.83
CA GLU A 7 -3.57 -11.64 19.05
C GLU A 7 -2.77 -10.52 19.74
N ARG A 8 -1.44 -10.60 19.70
CA ARG A 8 -0.61 -9.58 20.24
C ARG A 8 -0.86 -8.26 19.49
N PHE A 9 -0.87 -8.39 18.16
CA PHE A 9 -1.10 -7.21 17.28
C PHE A 9 -2.44 -6.56 17.49
N LEU A 10 -3.48 -7.38 17.58
CA LEU A 10 -4.84 -6.85 17.86
C LEU A 10 -5.02 -6.30 19.23
N SER A 11 -4.31 -6.88 20.26
CA SER A 11 -4.34 -6.23 21.57
C SER A 11 -3.69 -4.94 21.62
N VAL A 12 -2.59 -4.79 20.86
CA VAL A 12 -1.92 -3.55 20.88
C VAL A 12 -2.78 -2.48 20.16
N TYR A 13 -3.53 -2.88 19.15
CA TYR A 13 -4.54 -1.92 18.60
C TYR A 13 -5.42 -1.34 19.74
N ASP A 14 -5.99 -2.21 20.54
CA ASP A 14 -6.84 -1.76 21.64
C ASP A 14 -6.14 -0.84 22.59
N GLU A 15 -4.87 -1.15 22.91
CA GLU A 15 -4.17 -0.35 23.79
C GLU A 15 -3.88 1.07 23.16
N VAL A 16 -3.50 1.07 21.90
CA VAL A 16 -3.16 2.29 21.22
C VAL A 16 -4.39 3.17 21.03
N GLN A 17 -5.49 2.55 20.71
CA GLN A 17 -6.81 3.29 20.59
C GLN A 17 -7.11 3.98 21.92
N ALA A 18 -7.01 3.21 23.01
CA ALA A 18 -7.31 3.70 24.35
C ALA A 18 -6.42 4.81 24.73
N PHE A 19 -5.12 4.66 24.47
CA PHE A 19 -4.19 5.70 24.63
C PHE A 19 -4.56 7.03 23.85
N LEU A 20 -4.87 6.85 22.56
CA LEU A 20 -5.07 7.98 21.75
C LEU A 20 -6.37 8.71 22.30
N LEU A 21 -7.44 7.96 22.50
CA LEU A 21 -8.67 8.57 22.95
C LEU A 21 -8.61 9.13 24.37
N ASP A 22 -7.89 8.48 25.28
CA ASP A 22 -7.67 9.07 26.60
C ASP A 22 -6.86 10.37 26.56
N GLN A 23 -5.83 10.38 25.76
CA GLN A 23 -5.11 11.62 25.52
C GLN A 23 -5.99 12.73 24.97
N LEU A 24 -6.90 12.39 24.08
CA LEU A 24 -7.72 13.44 23.55
C LEU A 24 -8.54 14.05 24.69
N GLN A 25 -9.10 13.20 25.56
CA GLN A 25 -9.89 13.69 26.72
C GLN A 25 -9.00 14.53 27.69
N SER A 26 -7.82 14.10 27.97
CA SER A 26 -6.98 14.71 28.97
C SER A 26 -6.22 15.89 28.52
N LYS A 27 -5.88 15.97 27.22
CA LYS A 27 -5.07 17.08 26.77
C LYS A 27 -5.69 17.91 25.68
N TYR A 28 -6.73 17.39 25.04
CA TYR A 28 -7.34 18.08 23.89
C TYR A 28 -8.77 18.45 24.09
N GLU A 29 -9.27 18.28 25.32
CA GLU A 29 -10.54 18.81 25.74
C GLU A 29 -11.70 18.15 25.01
N ILE A 30 -11.52 16.90 24.58
CA ILE A 30 -12.56 16.32 23.74
C ILE A 30 -13.72 15.93 24.63
N ASP A 31 -14.91 15.87 24.04
CA ASP A 31 -16.13 15.46 24.69
C ASP A 31 -16.39 14.04 24.31
N PRO A 32 -17.25 13.33 25.07
CA PRO A 32 -17.41 11.90 24.82
C PRO A 32 -17.96 11.54 23.43
N ASN A 33 -18.79 12.38 22.90
CA ASN A 33 -19.45 12.05 21.67
C ASN A 33 -18.46 12.17 20.45
N ARG A 34 -17.64 13.18 20.51
CA ARG A 34 -16.57 13.28 19.49
C ARG A 34 -15.51 12.20 19.67
N ALA A 35 -15.19 11.85 20.91
CA ALA A 35 -14.32 10.64 21.10
C ALA A 35 -14.90 9.37 20.53
N ARG A 36 -16.23 9.20 20.63
CA ARG A 36 -16.87 8.09 20.02
C ARG A 36 -16.83 8.09 18.45
N TYR A 37 -17.11 9.24 17.87
CA TYR A 37 -16.98 9.42 16.43
C TYR A 37 -15.56 8.99 15.99
N LEU A 38 -14.54 9.44 16.71
CA LEU A 38 -13.11 9.09 16.39
C LEU A 38 -12.77 7.66 16.60
N ARG A 39 -13.34 7.01 17.61
CA ARG A 39 -13.17 5.65 17.79
C ARG A 39 -13.75 4.88 16.64
N ILE A 40 -14.98 5.29 16.22
CA ILE A 40 -15.64 4.60 15.15
C ILE A 40 -14.90 4.83 13.78
N MET A 41 -14.43 6.03 13.56
CA MET A 41 -13.66 6.30 12.38
C MET A 41 -12.38 5.46 12.37
N MET A 42 -11.73 5.34 13.52
CA MET A 42 -10.46 4.59 13.57
C MET A 42 -10.82 3.16 13.24
N ASP A 43 -11.85 2.58 13.91
CA ASP A 43 -12.15 1.22 13.63
C ASP A 43 -12.55 0.97 12.17
N THR A 44 -13.33 1.87 11.59
CA THR A 44 -13.84 1.63 10.27
C THR A 44 -12.76 1.74 9.22
N THR A 45 -11.78 2.63 9.46
CA THR A 45 -10.78 2.93 8.48
C THR A 45 -9.48 2.14 8.65
N CYS A 46 -9.22 1.63 9.87
CA CYS A 46 -8.00 0.83 10.09
C CYS A 46 -8.14 -0.68 10.17
N LEU A 47 -9.35 -1.14 10.51
CA LEU A 47 -9.62 -2.54 10.70
C LEU A 47 -10.36 -3.25 9.59
N GLY A 48 -10.18 -4.56 9.53
CA GLY A 48 -10.91 -5.39 8.60
C GLY A 48 -10.18 -5.88 7.39
N GLY A 49 -8.98 -5.35 7.10
CA GLY A 49 -8.05 -5.96 6.16
C GLY A 49 -7.28 -7.20 6.73
N LYS A 50 -6.20 -7.63 6.06
CA LYS A 50 -5.45 -8.81 6.50
C LYS A 50 -4.24 -8.41 7.38
N TYR A 51 -3.99 -7.12 7.48
CA TYR A 51 -2.91 -6.57 8.37
C TYR A 51 -1.60 -7.11 7.87
N PHE A 52 -1.52 -7.31 6.57
CA PHE A 52 -0.24 -7.68 5.98
C PHE A 52 0.94 -6.78 6.35
N ARG A 53 0.78 -5.49 6.15
CA ARG A 53 1.80 -4.50 6.39
C ARG A 53 2.27 -4.56 7.85
N GLY A 54 1.35 -4.48 8.76
CA GLY A 54 1.68 -4.36 10.15
C GLY A 54 2.24 -5.70 10.66
N MET A 55 1.62 -6.82 10.32
CA MET A 55 2.12 -8.06 10.69
C MET A 55 3.49 -8.38 10.07
N THR A 56 3.90 -7.76 8.96
CA THR A 56 5.27 -7.99 8.46
C THR A 56 6.29 -7.42 9.43
N VAL A 57 6.00 -6.29 10.05
CA VAL A 57 6.90 -5.77 11.06
C VAL A 57 7.08 -6.79 12.19
N VAL A 58 5.98 -7.35 12.66
CA VAL A 58 6.00 -8.33 13.73
C VAL A 58 6.75 -9.55 13.30
N ASN A 59 6.51 -10.00 12.07
CA ASN A 59 7.15 -11.22 11.59
C ASN A 59 8.67 -11.08 11.50
N VAL A 60 9.15 -9.94 11.01
CA VAL A 60 10.57 -9.69 10.83
C VAL A 60 11.14 -9.72 12.24
N ALA A 61 10.46 -8.98 13.13
CA ALA A 61 11.01 -8.91 14.58
C ALA A 61 11.06 -10.30 15.27
N GLU A 62 10.03 -11.10 15.11
CA GLU A 62 10.01 -12.53 15.66
C GLU A 62 11.17 -13.37 15.07
N GLY A 63 11.45 -13.20 13.77
CA GLY A 63 12.56 -13.86 13.09
C GLY A 63 13.83 -13.57 13.87
N PHE A 64 14.14 -12.32 14.13
CA PHE A 64 15.34 -11.91 14.91
C PHE A 64 15.38 -12.34 16.34
N LEU A 65 14.21 -12.40 16.96
CA LEU A 65 14.11 -12.85 18.34
C LEU A 65 14.56 -14.29 18.40
N ALA A 66 14.29 -15.10 17.37
CA ALA A 66 14.60 -16.52 17.43
C ALA A 66 16.05 -16.80 17.43
N VAL A 67 16.88 -15.85 17.06
CA VAL A 67 18.34 -16.03 16.91
C VAL A 67 19.19 -15.00 17.70
N THR A 68 18.57 -14.20 18.57
CA THR A 68 19.24 -13.16 19.28
C THR A 68 18.99 -13.37 20.78
N GLN A 69 20.04 -13.29 21.57
CA GLN A 69 19.93 -13.47 23.01
C GLN A 69 19.38 -12.20 23.66
N HIS A 70 18.30 -12.42 24.46
CA HIS A 70 17.64 -11.32 25.15
C HIS A 70 16.94 -11.83 26.42
N ASP A 71 16.76 -10.93 27.39
CA ASP A 71 15.87 -11.19 28.55
C ASP A 71 14.45 -11.25 28.01
N GLU A 72 13.62 -11.99 28.69
CA GLU A 72 12.17 -12.05 28.40
C GLU A 72 11.55 -10.67 28.29
N ALA A 73 11.89 -9.74 29.20
CA ALA A 73 11.23 -8.43 29.24
C ALA A 73 11.60 -7.70 27.93
N THR A 74 12.80 -7.99 27.42
CA THR A 74 13.27 -7.33 26.20
C THR A 74 12.55 -7.90 25.01
N LYS A 75 12.32 -9.22 25.03
CA LYS A 75 11.58 -9.84 23.96
C LYS A 75 10.20 -9.20 23.90
N GLU A 76 9.60 -8.96 25.05
CA GLU A 76 8.25 -8.39 25.06
C GLU A 76 8.25 -7.02 24.57
N ARG A 77 9.28 -6.26 24.99
CA ARG A 77 9.38 -4.87 24.58
C ARG A 77 9.53 -4.77 23.04
N ILE A 78 10.41 -5.61 22.47
CA ILE A 78 10.69 -5.63 21.04
C ILE A 78 9.34 -5.99 20.37
N LEU A 79 8.68 -7.04 20.82
CA LEU A 79 7.42 -7.37 20.12
C LEU A 79 6.39 -6.26 20.24
N HIS A 80 6.31 -5.61 21.38
CA HIS A 80 5.35 -4.50 21.57
C HIS A 80 5.71 -3.41 20.59
N ASP A 81 7.02 -3.09 20.48
CA ASP A 81 7.43 -2.03 19.55
C ASP A 81 7.11 -2.42 18.06
N ALA A 82 7.34 -3.66 17.69
CA ALA A 82 6.98 -4.15 16.35
C ALA A 82 5.48 -3.94 16.05
N CYS A 83 4.68 -4.18 17.08
CA CYS A 83 3.18 -3.99 16.96
C CYS A 83 2.83 -2.57 16.78
N VAL A 84 3.43 -1.64 17.55
CA VAL A 84 3.14 -0.33 17.51
C VAL A 84 3.61 0.24 16.13
N GLY A 85 4.81 -0.15 15.76
CA GLY A 85 5.32 0.16 14.39
C GLY A 85 4.40 -0.34 13.27
N GLY A 86 3.91 -1.56 13.37
CA GLY A 86 2.97 -2.15 12.41
C GLY A 86 1.73 -1.24 12.30
N TRP A 87 1.23 -0.82 13.47
CA TRP A 87 0.03 0.04 13.48
C TRP A 87 0.30 1.36 12.86
N MET A 88 1.50 1.90 13.05
CA MET A 88 1.84 3.13 12.36
C MET A 88 1.66 2.92 10.85
N ILE A 89 2.06 1.76 10.35
CA ILE A 89 1.94 1.58 8.93
C ILE A 89 0.50 1.40 8.57
N GLU A 90 -0.25 0.62 9.32
CA GLU A 90 -1.69 0.38 9.00
C GLU A 90 -2.43 1.72 9.01
N PHE A 91 -2.13 2.65 9.96
CA PHE A 91 -2.76 3.92 10.05
C PHE A 91 -2.36 4.79 8.87
N LEU A 92 -1.12 4.64 8.43
CA LEU A 92 -0.69 5.39 7.23
C LEU A 92 -1.42 4.92 5.99
N GLN A 93 -1.66 3.63 5.90
CA GLN A 93 -2.46 3.09 4.79
C GLN A 93 -3.83 3.68 4.89
N ALA A 94 -4.42 3.57 6.06
CA ALA A 94 -5.79 4.12 6.32
C ALA A 94 -5.96 5.55 5.87
N HIS A 95 -4.99 6.40 6.15
CA HIS A 95 -4.92 7.81 5.72
C HIS A 95 -5.02 7.83 4.21
N TYR A 96 -4.10 7.13 3.56
CA TYR A 96 -4.10 7.10 2.08
C TYR A 96 -5.35 6.50 1.49
N LEU A 97 -5.97 5.49 2.09
CA LEU A 97 -7.20 4.94 1.47
C LEU A 97 -8.35 5.87 1.64
N VAL A 98 -8.48 6.51 2.81
CA VAL A 98 -9.54 7.50 3.00
C VAL A 98 -9.42 8.60 1.93
N GLU A 99 -8.24 9.17 1.80
CA GLU A 99 -8.11 10.36 0.96
C GLU A 99 -8.19 9.95 -0.52
N ASP A 100 -7.58 8.82 -0.87
CA ASP A 100 -7.66 8.25 -2.23
C ASP A 100 -9.12 7.98 -2.64
N ASP A 101 -9.92 7.43 -1.73
CA ASP A 101 -11.33 7.13 -2.06
C ASP A 101 -12.03 8.43 -2.38
N ILE A 102 -11.78 9.51 -1.64
CA ILE A 102 -12.38 10.85 -1.86
C ILE A 102 -11.91 11.37 -3.20
N MET A 103 -10.61 11.33 -3.40
CA MET A 103 -9.99 11.83 -4.63
C MET A 103 -10.57 11.18 -5.87
N ASP A 104 -10.81 9.88 -5.79
CA ASP A 104 -11.20 9.11 -6.93
C ASP A 104 -12.70 9.03 -7.09
N GLY A 105 -13.45 9.55 -6.15
CA GLY A 105 -14.88 9.36 -6.14
C GLY A 105 -15.29 7.90 -6.05
N SER A 106 -14.61 7.06 -5.27
CA SER A 106 -14.85 5.71 -5.18
C SER A 106 -16.10 5.42 -4.37
N VAL A 107 -16.66 4.24 -4.60
CA VAL A 107 -17.93 3.88 -4.00
C VAL A 107 -17.76 2.91 -2.81
N MET A 108 -17.02 1.84 -3.05
CA MET A 108 -16.84 0.86 -2.08
C MET A 108 -15.37 0.62 -1.92
N ARG A 109 -15.08 -0.01 -0.82
CA ARG A 109 -13.73 -0.51 -0.54
C ARG A 109 -13.82 -1.65 0.48
N ARG A 110 -13.22 -2.79 0.12
CA ARG A 110 -13.26 -4.04 0.89
C ARG A 110 -14.69 -4.35 1.37
N GLY A 111 -15.63 -4.23 0.42
CA GLY A 111 -17.04 -4.67 0.57
C GLY A 111 -17.89 -3.83 1.49
N LYS A 112 -17.47 -2.60 1.76
CA LYS A 112 -18.18 -1.64 2.56
C LYS A 112 -18.07 -0.25 1.86
N PRO A 113 -19.02 0.67 2.14
CA PRO A 113 -18.95 1.99 1.58
C PRO A 113 -17.62 2.67 2.00
N CYS A 114 -17.05 3.41 1.09
CA CYS A 114 -15.95 4.30 1.45
C CYS A 114 -16.36 5.20 2.63
N TRP A 115 -15.41 5.52 3.50
CA TRP A 115 -15.69 6.31 4.68
C TRP A 115 -16.42 7.61 4.40
N TYR A 116 -15.98 8.35 3.40
CA TYR A 116 -16.61 9.58 3.11
C TYR A 116 -18.11 9.48 2.76
N ARG A 117 -18.49 8.29 2.34
CA ARG A 117 -19.88 8.02 1.94
C ARG A 117 -20.76 7.69 3.08
N PHE A 118 -20.21 7.53 4.28
CA PHE A 118 -21.06 7.25 5.41
C PHE A 118 -21.97 8.46 5.69
N PRO A 119 -23.24 8.24 6.01
CA PRO A 119 -24.16 9.42 6.09
C PRO A 119 -23.80 10.56 7.05
N GLY A 120 -23.25 10.20 8.22
CA GLY A 120 -22.88 11.17 9.22
C GLY A 120 -21.41 11.55 9.10
N VAL A 121 -20.76 11.24 7.96
CA VAL A 121 -19.34 11.62 7.75
C VAL A 121 -19.30 12.82 6.79
N THR A 122 -19.54 12.57 5.54
CA THR A 122 -19.35 13.54 4.42
C THR A 122 -17.92 13.86 4.12
N THR A 123 -17.72 14.35 2.91
CA THR A 123 -16.35 14.68 2.47
C THR A 123 -15.76 15.75 3.39
N GLN A 124 -16.53 16.71 3.82
CA GLN A 124 -16.02 17.80 4.63
C GLN A 124 -15.31 17.21 5.86
N CYS A 125 -15.90 16.23 6.50
CA CYS A 125 -15.27 15.65 7.68
C CYS A 125 -14.21 14.61 7.32
N ALA A 126 -14.49 13.76 6.33
CA ALA A 126 -13.61 12.64 5.93
C ALA A 126 -12.20 13.13 5.56
N ILE A 127 -12.07 14.25 4.87
CA ILE A 127 -10.72 14.75 4.47
C ILE A 127 -9.93 14.92 5.76
N ASN A 128 -10.57 15.56 6.75
CA ASN A 128 -9.91 15.88 8.01
C ASN A 128 -9.68 14.60 8.78
N ASP A 129 -10.65 13.71 8.77
CA ASP A 129 -10.44 12.40 9.42
C ASP A 129 -9.17 11.68 8.93
N GLY A 130 -8.96 11.69 7.61
CA GLY A 130 -7.79 11.10 7.04
C GLY A 130 -6.54 11.85 7.47
N ILE A 131 -6.62 13.15 7.61
CA ILE A 131 -5.46 13.97 8.24
C ILE A 131 -5.10 13.39 9.66
N ILE A 132 -6.12 13.26 10.44
CA ILE A 132 -5.97 12.81 11.81
C ILE A 132 -5.38 11.42 11.79
N LEU A 133 -5.83 10.51 10.94
CA LEU A 133 -5.30 9.20 10.84
C LEU A 133 -3.78 9.21 10.69
N LYS A 134 -3.30 10.10 9.84
CA LYS A 134 -1.78 10.17 9.69
C LYS A 134 -1.19 10.84 10.92
N SER A 135 -1.80 11.89 11.48
CA SER A 135 -1.23 12.49 12.72
C SER A 135 -1.11 11.50 13.83
N TRP A 136 -2.05 10.58 13.93
CA TRP A 136 -1.96 9.53 14.93
C TRP A 136 -0.76 8.65 14.83
N THR A 137 -0.23 8.41 13.62
CA THR A 137 1.07 7.69 13.52
C THR A 137 2.15 8.40 14.27
N GLN A 138 2.23 9.69 14.22
CA GLN A 138 3.29 10.42 14.88
C GLN A 138 3.05 10.44 16.38
N ILE A 139 1.78 10.58 16.78
CA ILE A 139 1.49 10.53 18.22
C ILE A 139 1.91 9.23 18.76
N MET A 140 1.60 8.11 18.10
CA MET A 140 2.06 6.76 18.54
C MET A 140 3.56 6.71 18.71
N ALA A 141 4.27 7.14 17.68
CA ALA A 141 5.73 7.05 17.68
C ALA A 141 6.37 7.83 18.85
N TRP A 142 5.97 9.08 19.00
CA TRP A 142 6.54 9.94 20.05
C TRP A 142 6.19 9.42 21.47
N HIS A 143 5.01 8.86 21.65
CA HIS A 143 4.66 8.27 22.95
C HIS A 143 5.40 7.01 23.18
N TYR A 144 5.27 6.00 22.30
CA TYR A 144 5.74 4.65 22.63
C TYR A 144 7.25 4.54 22.42
N PHE A 145 7.79 5.39 21.56
CA PHE A 145 9.28 5.25 21.25
C PHE A 145 10.12 6.42 21.73
N ALA A 146 9.64 7.17 22.70
CA ALA A 146 10.28 8.46 23.08
C ALA A 146 11.76 8.30 23.44
N ASP A 147 12.07 7.27 24.15
CA ASP A 147 13.47 7.16 24.52
C ASP A 147 14.22 6.11 23.70
N ARG A 148 13.63 5.63 22.60
CA ARG A 148 14.21 4.51 21.93
C ARG A 148 15.33 4.89 21.04
N PRO A 149 16.37 4.05 20.99
CA PRO A 149 17.50 4.44 20.17
C PRO A 149 17.24 4.54 18.69
N PHE A 150 16.21 3.87 18.21
CA PHE A 150 15.85 3.82 16.76
C PHE A 150 14.81 4.91 16.40
N LEU A 151 14.45 5.80 17.31
CA LEU A 151 13.39 6.79 17.04
C LEU A 151 13.70 7.69 15.92
N LYS A 152 14.90 8.25 15.93
CA LYS A 152 15.34 9.16 14.86
C LYS A 152 15.22 8.48 13.51
N ASP A 153 15.88 7.32 13.39
CA ASP A 153 15.89 6.59 12.11
C ASP A 153 14.50 6.23 11.66
N LEU A 154 13.71 5.71 12.60
CA LEU A 154 12.30 5.33 12.32
C LEU A 154 11.50 6.52 11.81
N LEU A 155 11.53 7.63 12.48
CA LEU A 155 10.81 8.87 12.03
C LEU A 155 11.28 9.35 10.68
N CYS A 156 12.61 9.35 10.44
CA CYS A 156 13.15 9.88 9.18
C CYS A 156 12.71 8.92 7.98
N LEU A 157 12.71 7.63 8.20
CA LEU A 157 12.28 6.63 7.22
C LEU A 157 10.78 6.73 6.96
N PHE A 158 10.00 6.83 8.07
CA PHE A 158 8.54 7.01 7.94
C PHE A 158 8.21 8.19 7.07
N GLN A 159 8.91 9.28 7.29
N GLN A 159 8.89 9.31 7.28
CA GLN A 159 8.71 10.52 6.65
CA GLN A 159 8.66 10.52 6.54
C GLN A 159 9.01 10.40 5.14
C GLN A 159 8.93 10.27 5.07
N LYS A 160 10.12 9.77 4.81
CA LYS A 160 10.50 9.46 3.40
C LYS A 160 9.47 8.55 2.66
N VAL A 161 8.98 7.53 3.33
CA VAL A 161 7.99 6.68 2.72
C VAL A 161 6.71 7.43 2.48
N ASP A 162 6.28 8.17 3.50
CA ASP A 162 5.04 8.98 3.40
C ASP A 162 5.12 9.89 2.15
N TYR A 163 6.21 10.63 2.02
CA TYR A 163 6.43 11.52 0.89
C TYR A 163 6.52 10.77 -0.44
N ALA A 164 7.23 9.63 -0.51
CA ALA A 164 7.32 8.82 -1.69
C ALA A 164 5.86 8.50 -2.15
N THR A 165 5.05 8.15 -1.14
CA THR A 165 3.67 7.71 -1.36
C THR A 165 2.84 8.81 -1.99
N ALA A 166 2.95 9.99 -1.47
CA ALA A 166 2.22 11.17 -1.99
C ALA A 166 2.71 11.47 -3.38
N VAL A 167 4.04 11.41 -3.59
CA VAL A 167 4.58 11.54 -4.96
C VAL A 167 4.01 10.47 -5.91
N GLY A 168 3.90 9.26 -5.50
CA GLY A 168 3.30 8.19 -6.25
C GLY A 168 1.86 8.44 -6.59
N GLN A 169 1.14 9.01 -5.63
CA GLN A 169 -0.25 9.39 -5.87
C GLN A 169 -0.34 10.42 -6.99
N MET A 170 0.56 11.40 -6.98
CA MET A 170 0.62 12.42 -8.01
C MET A 170 0.91 11.76 -9.34
N TYR A 171 1.87 10.87 -9.36
CA TYR A 171 2.15 10.10 -10.64
C TYR A 171 0.90 9.34 -11.15
N ASP A 172 0.16 8.69 -10.26
CA ASP A 172 -0.99 7.90 -10.59
C ASP A 172 -2.11 8.80 -11.13
N VAL A 173 -2.44 9.84 -10.43
CA VAL A 173 -3.68 10.61 -10.79
C VAL A 173 -3.43 11.34 -12.10
N THR A 174 -2.15 11.62 -12.39
CA THR A 174 -1.71 12.29 -13.63
C THR A 174 -1.29 11.32 -14.80
N SER A 175 -1.47 10.05 -14.62
CA SER A 175 -0.98 9.04 -15.55
C SER A 175 -1.72 8.98 -16.94
N MET A 176 -2.88 9.60 -17.03
CA MET A 176 -3.61 9.59 -18.29
C MET A 176 -3.61 10.92 -18.94
N CYS A 177 -2.78 11.83 -18.44
CA CYS A 177 -2.51 13.13 -19.06
C CYS A 177 -1.24 13.03 -19.88
N ASP A 178 -1.11 13.93 -20.85
CA ASP A 178 0.18 14.06 -21.56
C ASP A 178 1.01 14.95 -20.72
N SER A 179 2.23 14.53 -20.36
CA SER A 179 3.06 15.35 -19.50
C SER A 179 3.31 16.76 -19.91
N ASN A 180 3.54 16.95 -21.19
CA ASN A 180 3.84 18.25 -21.74
C ASN A 180 2.61 19.20 -21.62
N LYS A 181 1.43 18.66 -21.38
CA LYS A 181 0.22 19.47 -21.22
C LYS A 181 -0.13 19.83 -19.77
N LEU A 182 0.59 19.28 -18.77
CA LEU A 182 0.34 19.66 -17.35
C LEU A 182 0.45 21.11 -17.17
N ASP A 183 -0.58 21.70 -16.55
CA ASP A 183 -0.64 23.11 -16.37
C ASP A 183 -1.83 23.36 -15.45
N PRO A 184 -1.58 23.80 -14.22
CA PRO A 184 -2.71 24.22 -13.35
C PRO A 184 -3.76 25.13 -13.94
N GLU A 185 -3.36 26.00 -14.88
CA GLU A 185 -4.28 26.90 -15.52
C GLU A 185 -5.19 26.23 -16.53
N VAL A 186 -4.92 25.01 -16.98
CA VAL A 186 -5.69 24.46 -18.14
C VAL A 186 -6.24 23.14 -17.83
N ALA A 187 -7.57 22.94 -18.09
CA ALA A 187 -8.17 21.67 -17.81
C ALA A 187 -7.48 20.55 -18.62
N GLN A 188 -7.23 19.43 -17.96
CA GLN A 188 -6.36 18.45 -18.55
C GLN A 188 -7.12 17.46 -19.40
N PRO A 189 -6.77 17.40 -20.71
CA PRO A 189 -7.39 16.40 -21.57
C PRO A 189 -6.76 15.03 -21.32
N MET A 190 -7.50 14.00 -21.53
CA MET A 190 -6.98 12.62 -21.52
C MET A 190 -6.03 12.46 -22.72
N THR A 191 -4.98 11.64 -22.56
CA THR A 191 -4.10 11.34 -23.69
C THR A 191 -4.87 10.72 -24.80
N THR A 192 -4.47 11.08 -26.03
CA THR A 192 -5.00 10.48 -27.24
C THR A 192 -3.97 9.49 -27.76
N ASP A 193 -2.68 9.74 -27.58
CA ASP A 193 -1.67 8.84 -28.17
C ASP A 193 -1.26 7.67 -27.27
N PHE A 194 -1.54 7.79 -25.95
CA PHE A 194 -1.12 6.78 -25.00
C PHE A 194 0.40 6.51 -25.07
N ALA A 195 1.21 7.47 -25.46
CA ALA A 195 2.67 7.33 -25.55
C ALA A 195 3.34 7.21 -24.23
N GLU A 196 2.63 7.62 -23.17
CA GLU A 196 3.16 7.42 -21.85
C GLU A 196 2.67 6.18 -21.14
N PHE A 197 2.04 5.23 -21.84
CA PHE A 197 1.66 3.99 -21.32
C PHE A 197 2.80 3.02 -21.66
N THR A 198 3.93 3.11 -20.91
CA THR A 198 5.14 2.33 -21.15
C THR A 198 5.47 1.55 -19.84
N PRO A 199 6.23 0.45 -19.96
CA PRO A 199 6.72 -0.24 -18.80
C PRO A 199 7.46 0.70 -17.86
N ALA A 200 8.35 1.54 -18.34
CA ALA A 200 9.15 2.36 -17.45
C ALA A 200 8.31 3.36 -16.62
N ILE A 201 7.28 3.89 -17.28
CA ILE A 201 6.38 4.85 -16.65
C ILE A 201 5.45 4.17 -15.66
N TYR A 202 4.88 3.04 -16.08
CA TYR A 202 4.13 2.20 -15.19
C TYR A 202 4.96 1.88 -13.92
N LYS A 203 6.18 1.41 -14.10
CA LYS A 203 7.04 1.04 -12.98
C LYS A 203 7.23 2.22 -12.04
N ARG A 204 7.40 3.42 -12.56
CA ARG A 204 7.61 4.59 -11.70
C ARG A 204 6.33 4.85 -10.88
N ILE A 205 5.15 4.82 -11.50
CA ILE A 205 3.91 5.03 -10.72
C ILE A 205 3.88 4.07 -9.56
N VAL A 206 4.02 2.79 -9.82
CA VAL A 206 3.79 1.76 -8.83
C VAL A 206 4.90 1.78 -7.78
N LYS A 207 6.13 2.06 -8.21
CA LYS A 207 7.23 2.08 -7.23
C LYS A 207 6.93 3.03 -6.12
N TYR A 208 6.56 4.25 -6.48
CA TYR A 208 6.24 5.27 -5.49
C TYR A 208 4.85 5.08 -4.83
N LYS A 209 3.82 4.76 -5.60
CA LYS A 209 2.53 4.79 -5.03
C LYS A 209 2.23 3.73 -3.99
N THR A 210 2.90 2.57 -4.11
CA THR A 210 2.56 1.44 -3.36
C THR A 210 3.74 0.77 -2.70
N THR A 211 4.88 0.68 -3.36
CA THR A 211 5.89 -0.30 -2.86
C THR A 211 6.63 0.21 -1.60
N PHE A 212 6.81 1.53 -1.49
CA PHE A 212 7.45 2.09 -0.34
C PHE A 212 6.65 1.77 0.94
N TYR A 213 5.33 2.04 1.00
CA TYR A 213 4.58 1.84 2.24
C TYR A 213 4.18 0.36 2.44
N THR A 214 4.04 -0.45 1.36
CA THR A 214 3.52 -1.75 1.50
C THR A 214 4.63 -2.80 1.75
N TYR A 215 5.76 -2.60 1.12
CA TYR A 215 6.84 -3.56 1.31
C TYR A 215 8.11 -3.03 1.95
N LEU A 216 8.60 -1.89 1.50
CA LEU A 216 9.83 -1.35 2.10
C LEU A 216 9.70 -0.99 3.60
N LEU A 217 8.67 -0.21 3.93
CA LEU A 217 8.50 0.27 5.26
C LEU A 217 8.30 -0.89 6.25
N PRO A 218 7.38 -1.85 6.03
CA PRO A 218 7.21 -2.99 6.95
C PRO A 218 8.56 -3.68 7.19
N LEU A 219 9.31 -3.96 6.12
CA LEU A 219 10.60 -4.71 6.30
C LEU A 219 11.55 -3.89 7.09
N VAL A 220 11.75 -2.65 6.71
CA VAL A 220 12.75 -1.85 7.36
C VAL A 220 12.34 -1.48 8.78
N MET A 221 11.07 -1.26 9.03
CA MET A 221 10.67 -1.01 10.39
C MET A 221 10.88 -2.23 11.27
N GLY A 222 10.74 -3.41 10.74
CA GLY A 222 11.08 -4.62 11.52
C GLY A 222 12.52 -4.68 11.87
N LEU A 223 13.36 -4.30 10.93
CA LEU A 223 14.80 -4.21 11.24
C LEU A 223 15.08 -3.12 12.27
N LEU A 224 14.38 -1.96 12.20
CA LEU A 224 14.65 -0.88 13.13
C LEU A 224 14.29 -1.21 14.58
N VAL A 225 13.14 -1.83 14.81
CA VAL A 225 12.72 -2.12 16.19
C VAL A 225 13.54 -3.31 16.75
N SER A 226 14.16 -4.07 15.84
CA SER A 226 15.05 -5.17 16.20
C SER A 226 16.51 -4.70 16.38
N GLU A 227 16.80 -3.46 16.05
CA GLU A 227 18.20 -2.94 16.09
C GLU A 227 19.11 -3.85 15.24
N ALA A 228 18.59 -4.22 14.08
CA ALA A 228 19.21 -5.20 13.18
C ALA A 228 19.55 -4.67 11.78
N ALA A 229 19.53 -3.35 11.59
CA ALA A 229 19.78 -2.78 10.25
C ALA A 229 21.16 -3.19 9.70
N ALA A 230 22.11 -3.54 10.56
CA ALA A 230 23.44 -4.15 10.11
C ALA A 230 23.51 -5.65 9.70
N SER A 231 22.45 -6.44 9.86
CA SER A 231 22.31 -7.72 9.19
C SER A 231 21.90 -7.63 7.74
N VAL A 232 21.70 -6.41 7.22
CA VAL A 232 21.27 -6.34 5.84
C VAL A 232 22.04 -5.35 5.08
N GLU A 233 22.05 -5.61 3.80
CA GLU A 233 22.51 -4.62 2.84
C GLU A 233 21.25 -3.86 2.45
N MET A 234 21.16 -2.57 2.76
CA MET A 234 19.87 -1.87 2.55
C MET A 234 19.51 -1.75 1.06
N ASN A 235 20.56 -1.67 0.19
CA ASN A 235 20.27 -1.65 -1.24
C ASN A 235 19.51 -2.85 -1.69
N LEU A 236 19.79 -4.02 -1.13
CA LEU A 236 19.06 -5.20 -1.49
C LEU A 236 17.67 -5.21 -0.94
N VAL A 237 17.50 -4.67 0.28
CA VAL A 237 16.16 -4.67 0.84
C VAL A 237 15.26 -3.80 -0.09
N GLU A 238 15.77 -2.67 -0.51
CA GLU A 238 15.04 -1.79 -1.43
C GLU A 238 14.70 -2.51 -2.69
N ARG A 239 15.69 -3.20 -3.26
CA ARG A 239 15.51 -3.83 -4.55
C ARG A 239 14.47 -4.89 -4.44
N VAL A 240 14.50 -5.68 -3.36
CA VAL A 240 13.51 -6.72 -3.28
C VAL A 240 12.14 -6.15 -2.99
N ALA A 241 12.09 -5.08 -2.16
CA ALA A 241 10.80 -4.48 -1.77
C ALA A 241 10.15 -3.98 -3.10
N HIS A 242 10.95 -3.35 -3.94
CA HIS A 242 10.36 -2.69 -5.14
C HIS A 242 9.91 -3.73 -6.09
N LEU A 243 10.65 -4.81 -6.14
CA LEU A 243 10.28 -5.93 -7.01
C LEU A 243 9.02 -6.63 -6.58
N ILE A 244 8.97 -7.04 -5.31
CA ILE A 244 7.71 -7.68 -4.87
C ILE A 244 6.48 -6.70 -4.95
N GLY A 245 6.70 -5.46 -4.57
CA GLY A 245 5.61 -4.46 -4.58
C GLY A 245 5.11 -4.24 -6.00
N GLU A 246 6.00 -4.20 -6.99
CA GLU A 246 5.49 -4.12 -8.38
C GLU A 246 4.54 -5.29 -8.75
N TYR A 247 4.99 -6.50 -8.49
CA TYR A 247 4.17 -7.68 -8.68
C TYR A 247 2.77 -7.64 -8.01
N PHE A 248 2.75 -7.16 -6.75
CA PHE A 248 1.55 -6.97 -5.97
C PHE A 248 0.58 -6.10 -6.77
N GLN A 249 1.13 -5.00 -7.30
CA GLN A 249 0.31 -4.00 -8.03
C GLN A 249 -0.15 -4.55 -9.38
N VAL A 250 0.63 -5.42 -10.01
CA VAL A 250 0.20 -6.02 -11.25
C VAL A 250 -0.95 -6.93 -11.00
N GLN A 251 -0.85 -7.70 -9.93
CA GLN A 251 -1.95 -8.51 -9.49
C GLN A 251 -3.20 -7.70 -9.24
N ASP A 252 -3.06 -6.55 -8.56
CA ASP A 252 -4.20 -5.68 -8.27
C ASP A 252 -4.80 -5.12 -9.57
N ASP A 253 -3.94 -4.72 -10.51
CA ASP A 253 -4.42 -4.31 -11.84
C ASP A 253 -5.19 -5.37 -12.59
N VAL A 254 -4.67 -6.58 -12.58
CA VAL A 254 -5.42 -7.67 -13.23
C VAL A 254 -6.77 -7.90 -12.55
N MET A 255 -6.78 -7.89 -11.25
CA MET A 255 -8.04 -8.17 -10.48
C MET A 255 -9.13 -7.10 -10.75
N ASP A 256 -8.72 -5.83 -10.82
CA ASP A 256 -9.67 -4.70 -11.10
C ASP A 256 -10.51 -4.98 -12.35
N CYS A 257 -9.86 -5.59 -13.34
CA CYS A 257 -10.53 -5.87 -14.60
C CYS A 257 -11.29 -7.16 -14.50
N PHE A 258 -10.67 -8.20 -13.93
CA PHE A 258 -11.21 -9.58 -14.13
C PHE A 258 -11.86 -10.25 -12.93
N THR A 259 -11.58 -9.82 -11.69
CA THR A 259 -12.18 -10.44 -10.45
C THR A 259 -13.60 -9.93 -10.29
N PRO A 260 -14.59 -10.87 -10.14
CA PRO A 260 -15.96 -10.50 -9.84
C PRO A 260 -16.01 -9.49 -8.72
N PRO A 261 -16.84 -8.44 -8.88
CA PRO A 261 -16.98 -7.45 -7.83
C PRO A 261 -17.15 -7.94 -6.32
N GLU A 262 -18.04 -8.89 -6.04
CA GLU A 262 -18.18 -9.38 -4.63
C GLU A 262 -16.90 -10.05 -4.06
N GLN A 263 -16.03 -10.56 -4.94
CA GLN A 263 -14.71 -11.06 -4.52
C GLN A 263 -13.72 -9.92 -4.40
N LEU A 264 -13.72 -9.05 -5.39
CA LEU A 264 -12.89 -7.83 -5.35
C LEU A 264 -13.17 -6.86 -4.14
N GLY A 265 -14.37 -6.89 -3.54
CA GLY A 265 -14.83 -5.88 -2.58
C GLY A 265 -15.20 -4.48 -3.16
N LYS A 266 -15.30 -4.39 -4.49
CA LYS A 266 -15.69 -3.16 -5.20
C LYS A 266 -15.97 -3.47 -6.67
N VAL A 267 -16.48 -2.46 -7.37
CA VAL A 267 -16.68 -2.50 -8.85
C VAL A 267 -15.35 -1.84 -9.37
N GLY A 268 -14.52 -2.59 -10.10
CA GLY A 268 -13.29 -2.02 -10.67
C GLY A 268 -13.67 -1.03 -11.77
N THR A 269 -13.06 0.16 -11.75
CA THR A 269 -13.26 1.20 -12.77
C THR A 269 -11.93 1.68 -13.45
N ASP A 270 -10.85 0.88 -13.43
CA ASP A 270 -9.56 1.36 -14.07
C ASP A 270 -9.69 1.72 -15.54
N ILE A 271 -10.51 0.94 -16.24
CA ILE A 271 -10.77 1.22 -17.63
C ILE A 271 -11.47 2.56 -17.83
N GLU A 272 -12.55 2.81 -17.08
CA GLU A 272 -13.30 4.09 -17.20
C GLU A 272 -12.45 5.27 -16.78
N ASP A 273 -11.62 5.03 -15.77
CA ASP A 273 -10.69 6.07 -15.22
C ASP A 273 -9.41 6.31 -16.03
N ALA A 274 -9.27 5.53 -17.14
CA ALA A 274 -8.17 5.59 -18.04
C ALA A 274 -6.85 5.33 -17.32
N LYS A 275 -6.87 4.38 -16.41
CA LYS A 275 -5.65 4.21 -15.57
C LYS A 275 -4.53 3.59 -16.42
N CYS A 276 -3.28 3.92 -16.06
CA CYS A 276 -2.14 3.33 -16.65
C CYS A 276 -1.92 2.00 -15.92
N SER A 277 -2.67 1.01 -16.28
CA SER A 277 -2.64 -0.29 -15.65
C SER A 277 -1.66 -1.21 -16.38
N TRP A 278 -1.29 -2.28 -15.70
CA TRP A 278 -0.47 -3.28 -16.34
C TRP A 278 -1.12 -3.86 -17.59
N LEU A 279 -2.44 -4.10 -17.52
CA LEU A 279 -3.20 -4.61 -18.68
C LEU A 279 -3.11 -3.66 -19.85
N ALA A 280 -3.28 -2.36 -19.61
CA ALA A 280 -3.18 -1.38 -20.75
C ALA A 280 -1.81 -1.28 -21.37
N VAL A 281 -0.75 -1.23 -20.55
CA VAL A 281 0.59 -1.13 -21.01
C VAL A 281 1.00 -2.44 -21.75
N THR A 282 0.67 -3.60 -21.21
CA THR A 282 0.99 -4.90 -21.84
C THR A 282 0.22 -5.03 -23.19
N PHE A 283 -1.04 -4.59 -23.20
CA PHE A 283 -1.85 -4.67 -24.41
C PHE A 283 -1.23 -3.78 -25.50
N LEU A 284 -0.78 -2.58 -25.13
CA LEU A 284 -0.25 -1.68 -26.06
C LEU A 284 1.14 -2.14 -26.60
N GLY A 285 1.82 -2.96 -25.80
CA GLY A 285 3.06 -3.52 -26.20
C GLY A 285 2.97 -4.71 -27.14
N LYS A 286 1.78 -5.24 -27.38
CA LYS A 286 1.70 -6.31 -28.32
C LYS A 286 0.61 -6.15 -29.38
N ALA A 287 -0.18 -5.07 -29.30
CA ALA A 287 -1.31 -4.86 -30.20
C ALA A 287 -0.86 -4.56 -31.58
N ASN A 288 -1.72 -4.88 -32.57
CA ASN A 288 -1.46 -4.39 -33.91
C ASN A 288 -2.13 -3.02 -34.12
N ALA A 289 -1.98 -2.38 -35.29
CA ALA A 289 -2.49 -1.05 -35.51
C ALA A 289 -3.99 -0.98 -35.31
N ALA A 290 -4.72 -1.95 -35.84
CA ALA A 290 -6.17 -1.88 -35.74
C ALA A 290 -6.64 -1.98 -34.28
N GLN A 291 -5.93 -2.81 -33.49
CA GLN A 291 -6.29 -3.05 -32.07
C GLN A 291 -5.99 -1.84 -31.19
N VAL A 292 -4.86 -1.21 -31.48
CA VAL A 292 -4.51 0.06 -30.88
C VAL A 292 -5.58 1.12 -31.17
N ALA A 293 -6.08 1.22 -32.39
CA ALA A 293 -7.09 2.20 -32.71
C ALA A 293 -8.40 1.94 -31.96
N GLU A 294 -8.73 0.67 -31.86
CA GLU A 294 -9.94 0.24 -31.17
C GLU A 294 -9.83 0.51 -29.65
N PHE A 295 -8.66 0.21 -29.07
CA PHE A 295 -8.38 0.66 -27.72
C PHE A 295 -8.58 2.16 -27.52
N LYS A 296 -8.02 2.98 -28.37
CA LYS A 296 -8.08 4.44 -28.20
C LYS A 296 -9.52 4.87 -28.27
N ALA A 297 -10.27 4.29 -29.21
CA ALA A 297 -11.64 4.76 -29.37
C ALA A 297 -12.55 4.33 -28.22
N ASN A 298 -12.11 3.38 -27.34
CA ASN A 298 -13.00 2.87 -26.31
C ASN A 298 -12.53 3.06 -24.81
N TYR A 299 -11.28 3.38 -24.61
CA TYR A 299 -10.73 3.43 -23.26
C TYR A 299 -11.05 4.80 -22.62
N GLY A 300 -11.20 4.71 -21.30
CA GLY A 300 -11.36 5.90 -20.48
C GLY A 300 -12.75 6.53 -20.60
N GLU A 301 -13.74 5.69 -20.87
CA GLU A 301 -15.12 6.10 -21.22
C GLU A 301 -16.02 5.39 -20.24
N LYS A 302 -17.00 6.10 -19.70
CA LYS A 302 -17.92 5.48 -18.74
C LYS A 302 -18.85 4.46 -19.40
N ASP A 303 -19.24 4.69 -20.66
CA ASP A 303 -20.16 3.79 -21.41
C ASP A 303 -19.77 2.31 -21.23
N PRO A 304 -20.64 1.51 -20.59
CA PRO A 304 -20.34 0.07 -20.44
C PRO A 304 -20.12 -0.70 -21.68
N ALA A 305 -20.75 -0.33 -22.79
CA ALA A 305 -20.41 -0.94 -24.09
C ALA A 305 -18.89 -0.79 -24.43
N LYS A 306 -18.33 0.40 -24.18
CA LYS A 306 -16.91 0.70 -24.52
C LYS A 306 -15.95 -0.05 -23.58
N VAL A 307 -16.34 -0.07 -22.31
CA VAL A 307 -15.63 -0.87 -21.30
C VAL A 307 -15.69 -2.34 -21.72
N ALA A 308 -16.81 -2.84 -22.24
CA ALA A 308 -16.84 -4.26 -22.67
C ALA A 308 -15.91 -4.48 -23.88
N VAL A 309 -15.79 -3.48 -24.76
CA VAL A 309 -14.88 -3.54 -25.90
C VAL A 309 -13.41 -3.57 -25.40
N VAL A 310 -13.07 -2.75 -24.41
CA VAL A 310 -11.68 -2.85 -23.88
C VAL A 310 -11.39 -4.25 -23.30
N LYS A 311 -12.33 -4.78 -22.49
CA LYS A 311 -12.14 -6.11 -21.85
C LYS A 311 -12.00 -7.18 -22.87
N ARG A 312 -12.88 -7.19 -23.86
CA ARG A 312 -12.70 -8.12 -25.00
C ARG A 312 -11.33 -7.96 -25.69
N LEU A 313 -10.85 -6.74 -25.86
CA LEU A 313 -9.53 -6.55 -26.49
C LEU A 313 -8.43 -7.24 -25.63
N TYR A 314 -8.57 -7.14 -24.30
CA TYR A 314 -7.62 -7.74 -23.37
C TYR A 314 -7.69 -9.27 -23.39
N SER A 315 -8.92 -9.82 -23.45
CA SER A 315 -9.09 -11.29 -23.43
C SER A 315 -8.52 -11.83 -24.74
N LYS A 316 -8.96 -11.27 -25.87
CA LYS A 316 -8.44 -11.73 -27.15
C LYS A 316 -6.92 -11.60 -27.28
N ALA A 317 -6.26 -10.75 -26.47
CA ALA A 317 -4.82 -10.50 -26.60
C ALA A 317 -3.96 -11.46 -25.78
N ASN A 318 -4.63 -12.33 -25.03
CA ASN A 318 -3.99 -13.38 -24.25
C ASN A 318 -2.92 -12.76 -23.33
N LEU A 319 -3.37 -11.78 -22.61
CA LEU A 319 -2.56 -11.14 -21.58
C LEU A 319 -2.27 -12.12 -20.47
N GLN A 320 -3.15 -13.10 -20.19
CA GLN A 320 -2.84 -14.19 -19.23
C GLN A 320 -1.46 -14.78 -19.45
N ALA A 321 -1.10 -15.02 -20.71
CA ALA A 321 0.24 -15.55 -20.97
C ALA A 321 1.37 -14.54 -20.78
N ASP A 322 1.13 -13.25 -21.05
CA ASP A 322 2.15 -12.27 -20.68
C ASP A 322 2.26 -12.25 -19.15
N PHE A 323 1.13 -12.38 -18.45
CA PHE A 323 1.15 -12.39 -16.95
C PHE A 323 2.00 -13.59 -16.43
N ALA A 324 1.77 -14.80 -16.95
CA ALA A 324 2.58 -15.98 -16.59
C ALA A 324 4.07 -15.71 -16.82
N ALA A 325 4.41 -15.05 -17.91
CA ALA A 325 5.81 -14.78 -18.22
C ALA A 325 6.38 -13.74 -17.23
N TYR A 326 5.62 -12.68 -16.94
CA TYR A 326 6.08 -11.67 -15.99
C TYR A 326 6.28 -12.36 -14.64
N GLU A 327 5.30 -13.16 -14.26
CA GLU A 327 5.31 -13.87 -13.00
C GLU A 327 6.58 -14.68 -12.85
N ALA A 328 6.89 -15.48 -13.89
CA ALA A 328 8.12 -16.25 -13.90
C ALA A 328 9.39 -15.51 -13.70
N GLU A 329 9.51 -14.37 -14.37
CA GLU A 329 10.68 -13.53 -14.28
C GLU A 329 10.82 -12.97 -12.83
N VAL A 330 9.70 -12.53 -12.27
CA VAL A 330 9.67 -12.03 -10.87
C VAL A 330 10.11 -13.15 -9.90
N VAL A 331 9.56 -14.34 -10.08
CA VAL A 331 10.02 -15.51 -9.27
C VAL A 331 11.51 -15.67 -9.29
N ARG A 332 12.10 -15.60 -10.49
CA ARG A 332 13.54 -15.68 -10.68
C ARG A 332 14.26 -14.63 -9.91
N GLU A 333 13.79 -13.40 -10.07
CA GLU A 333 14.55 -12.29 -9.53
C GLU A 333 14.41 -12.24 -7.99
N VAL A 334 13.22 -12.53 -7.52
CA VAL A 334 12.95 -12.57 -6.03
C VAL A 334 13.79 -13.65 -5.37
N GLU A 335 13.78 -14.85 -5.94
CA GLU A 335 14.69 -15.94 -5.53
C GLU A 335 16.17 -15.54 -5.47
N SER A 336 16.64 -14.80 -6.48
CA SER A 336 17.97 -14.29 -6.57
C SER A 336 18.26 -13.32 -5.42
N LEU A 337 17.37 -12.36 -5.23
CA LEU A 337 17.52 -11.42 -4.12
C LEU A 337 17.47 -12.10 -2.75
N ILE A 338 16.62 -13.11 -2.62
CA ILE A 338 16.57 -13.85 -1.34
C ILE A 338 17.94 -14.48 -1.08
N GLU A 339 18.50 -15.09 -2.15
CA GLU A 339 19.80 -15.68 -2.00
C GLU A 339 20.83 -14.72 -1.63
N GLN A 340 20.85 -13.53 -2.22
CA GLN A 340 21.86 -12.55 -1.86
C GLN A 340 21.70 -12.08 -0.31
N LEU A 341 20.45 -11.97 0.12
CA LEU A 341 20.10 -11.58 1.51
C LEU A 341 20.60 -12.61 2.54
N LYS A 342 20.52 -13.89 2.18
CA LYS A 342 21.06 -14.98 3.06
C LYS A 342 22.49 -14.91 3.46
N VAL A 343 23.30 -14.22 2.69
CA VAL A 343 24.70 -14.00 2.96
C VAL A 343 24.87 -13.30 4.28
N LYS A 344 24.21 -12.16 4.44
CA LYS A 344 24.25 -11.44 5.70
C LYS A 344 23.22 -11.98 6.71
N SER A 345 22.05 -12.43 6.29
CA SER A 345 21.02 -12.87 7.29
C SER A 345 20.06 -13.81 6.79
N PRO A 346 20.27 -15.09 7.17
CA PRO A 346 19.35 -16.12 6.90
C PRO A 346 17.93 -15.79 7.35
N THR A 347 17.80 -15.34 8.58
CA THR A 347 16.56 -15.00 9.21
C THR A 347 15.78 -14.00 8.39
N PHE A 348 16.48 -12.93 8.06
CA PHE A 348 15.79 -11.79 7.32
C PHE A 348 15.45 -12.32 5.95
N ALA A 349 16.39 -13.07 5.34
CA ALA A 349 15.98 -13.72 4.05
C ALA A 349 14.74 -14.58 4.13
N GLU A 350 14.56 -15.33 5.22
CA GLU A 350 13.36 -16.13 5.42
C GLU A 350 12.10 -15.26 5.58
N SER A 351 12.25 -14.12 6.26
CA SER A 351 11.08 -13.18 6.38
C SER A 351 10.67 -12.65 5.04
N VAL A 352 11.68 -12.36 4.20
CA VAL A 352 11.40 -11.93 2.85
C VAL A 352 10.76 -13.06 2.03
N ALA A 353 11.20 -14.31 2.20
CA ALA A 353 10.48 -15.46 1.56
C ALA A 353 9.04 -15.56 1.98
N VAL A 354 8.75 -15.30 3.25
CA VAL A 354 7.40 -15.41 3.72
C VAL A 354 6.53 -14.29 3.07
N VAL A 355 7.09 -13.10 3.06
CA VAL A 355 6.52 -11.95 2.35
C VAL A 355 6.21 -12.29 0.90
N TRP A 356 7.19 -12.87 0.21
CA TRP A 356 6.92 -13.36 -1.16
C TRP A 356 5.78 -14.42 -1.24
N GLU A 357 5.80 -15.41 -0.38
CA GLU A 357 4.80 -16.50 -0.44
C GLU A 357 3.40 -15.93 -0.24
N LYS A 358 3.25 -15.04 0.73
CA LYS A 358 1.96 -14.42 0.98
C LYS A 358 1.48 -13.60 -0.22
N THR A 359 2.38 -12.90 -0.86
CA THR A 359 2.01 -12.10 -2.06
C THR A 359 1.64 -12.94 -3.29
N HIS A 360 2.47 -13.94 -3.54
CA HIS A 360 2.36 -14.86 -4.69
C HIS A 360 1.08 -15.67 -4.70
N LYS A 361 0.44 -15.88 -3.55
CA LYS A 361 -0.84 -16.61 -3.47
C LYS A 361 -1.95 -15.71 -2.87
N ARG A 362 -2.60 -14.92 -3.72
CA ARG A 362 -3.79 -14.14 -3.36
C ARG A 362 -4.62 -13.81 -4.61
#